data_7YPC
#
_entry.id   7YPC
#
_cell.length_a   111.859
_cell.length_b   112.208
_cell.length_c   112.036
_cell.angle_alpha   90.000
_cell.angle_beta   90.000
_cell.angle_gamma   90.000
#
_symmetry.space_group_name_H-M   'P 21 21 21'
#
_entity_poly.entity_id   1
_entity_poly.type   'polypeptide(L)'
_entity_poly.pdbx_seq_one_letter_code
;MCNLVGRQRQEILELRREMEELSVSHDGVLIWKLSDYSRKLQEAKIRSNHEFFSPPFYTHRYGYKLQVSAFLNGNGSGEG
SHLSVYIRVLPGEYDSLLEWPFSYKVTFSIMDQSDPSLSKPQHITETFNPDPNWKNFQKPSSTRNSLDESTLGFGYPKFI
SHEEIKKRNYVRDNSVFIKASIEIPQKIMA
;
_entity_poly.pdbx_strand_id   A,B,C
#
# COMPACT_ATOMS: atom_id res chain seq x y z
N GLU A 14 -7.47 6.33 17.43
CA GLU A 14 -7.75 6.96 16.14
C GLU A 14 -6.79 6.49 15.03
N LEU A 15 -7.11 5.30 14.54
CA LEU A 15 -6.45 4.62 13.43
C LEU A 15 -6.91 5.11 12.06
N ARG A 16 -8.05 5.83 12.00
CA ARG A 16 -8.57 6.34 10.73
C ARG A 16 -7.59 7.31 10.08
N ARG A 17 -6.90 8.13 10.87
CA ARG A 17 -6.04 9.17 10.30
C ARG A 17 -4.81 8.54 9.65
N GLU A 18 -4.24 7.49 10.26
CA GLU A 18 -3.16 6.80 9.57
C GLU A 18 -3.67 5.77 8.56
N MET A 19 -4.97 5.45 8.59
CA MET A 19 -5.61 4.84 7.43
C MET A 19 -5.53 5.78 6.23
N GLU A 20 -5.76 7.08 6.47
CA GLU A 20 -5.72 8.08 5.42
C GLU A 20 -4.32 8.25 4.81
N GLU A 21 -3.29 8.09 5.63
CA GLU A 21 -1.92 8.23 5.12
C GLU A 21 -1.49 7.03 4.27
N LEU A 22 -2.22 5.91 4.33
CA LEU A 22 -1.97 4.79 3.45
C LEU A 22 -2.84 4.82 2.19
N SER A 23 -3.56 5.92 1.97
CA SER A 23 -4.33 6.13 0.75
C SER A 23 -3.45 6.88 -0.26
N VAL A 24 -2.97 6.13 -1.25
CA VAL A 24 -2.10 6.61 -2.31
C VAL A 24 -2.65 6.05 -3.61
N SER A 25 -2.54 6.84 -4.67
CA SER A 25 -2.90 6.37 -6.00
C SER A 25 -1.79 5.49 -6.58
N HIS A 26 -2.20 4.44 -7.29
CA HIS A 26 -1.28 3.56 -8.00
C HIS A 26 -1.02 4.16 -9.38
N ASP A 27 0.20 4.65 -9.58
CA ASP A 27 0.60 5.30 -10.83
C ASP A 27 -0.20 6.58 -11.07
N GLY A 28 -0.62 7.25 -9.99
CA GLY A 28 -1.39 8.48 -10.08
C GLY A 28 -2.88 8.32 -10.23
N VAL A 29 -3.42 7.11 -10.08
CA VAL A 29 -4.80 6.79 -10.44
C VAL A 29 -5.62 6.55 -9.18
N LEU A 30 -6.72 7.27 -9.05
CA LEU A 30 -7.73 6.99 -8.04
C LEU A 30 -9.06 6.68 -8.69
N ILE A 31 -9.67 5.55 -8.32
CA ILE A 31 -11.01 5.17 -8.76
C ILE A 31 -11.93 5.28 -7.57
N TRP A 32 -12.94 6.13 -7.67
CA TRP A 32 -13.86 6.42 -6.57
C TRP A 32 -15.18 5.75 -6.88
N LYS A 33 -15.55 4.76 -6.08
CA LYS A 33 -16.81 4.05 -6.30
C LYS A 33 -17.91 4.71 -5.47
N LEU A 34 -18.98 5.12 -6.14
CA LEU A 34 -20.18 5.62 -5.49
C LEU A 34 -21.21 4.54 -5.64
N SER A 35 -21.52 3.86 -4.55
CA SER A 35 -22.54 2.84 -4.59
C SER A 35 -23.84 3.40 -4.04
N ASP A 36 -24.93 2.70 -4.34
CA ASP A 36 -26.26 3.13 -3.94
C ASP A 36 -26.56 4.48 -4.59
N TYR A 37 -26.33 4.53 -5.91
CA TYR A 37 -26.42 5.79 -6.64
C TYR A 37 -27.82 6.39 -6.54
N SER A 38 -28.85 5.56 -6.75
CA SER A 38 -30.23 6.04 -6.80
C SER A 38 -30.67 6.67 -5.47
N ARG A 39 -30.28 6.10 -4.34
CA ARG A 39 -30.68 6.74 -3.09
C ARG A 39 -29.88 8.03 -2.89
N LYS A 40 -28.61 8.03 -3.29
CA LYS A 40 -27.82 9.24 -3.15
C LYS A 40 -28.34 10.33 -4.08
N LEU A 41 -28.75 9.95 -5.30
CA LEU A 41 -29.29 10.94 -6.23
C LEU A 41 -30.55 11.60 -5.69
N GLN A 42 -31.45 10.80 -5.11
CA GLN A 42 -32.68 11.37 -4.59
C GLN A 42 -32.40 12.33 -3.44
N GLU A 43 -31.41 12.03 -2.60
CA GLU A 43 -31.00 12.99 -1.58
C GLU A 43 -30.44 14.24 -2.23
N ALA A 44 -29.65 14.06 -3.29
CA ALA A 44 -29.07 15.22 -3.95
C ALA A 44 -30.15 16.09 -4.58
N LYS A 45 -31.20 15.47 -5.11
CA LYS A 45 -32.25 16.25 -5.74
C LYS A 45 -33.05 17.06 -4.73
N ILE A 46 -32.97 16.72 -3.44
CA ILE A 46 -33.60 17.54 -2.41
C ILE A 46 -32.68 18.69 -2.00
N ARG A 47 -31.44 18.36 -1.65
CA ARG A 47 -30.48 19.33 -1.15
C ARG A 47 -29.87 20.09 -2.31
N SER A 48 -29.96 21.42 -2.30
CA SER A 48 -29.61 22.21 -3.47
C SER A 48 -28.13 22.14 -3.83
N ASN A 49 -27.23 22.04 -2.84
CA ASN A 49 -25.80 21.93 -3.13
C ASN A 49 -25.22 20.72 -2.41
N HIS A 50 -25.74 19.53 -2.74
CA HIS A 50 -25.34 18.32 -2.03
C HIS A 50 -24.09 17.75 -2.70
N GLU A 51 -22.97 17.77 -1.96
CA GLU A 51 -21.67 17.40 -2.49
C GLU A 51 -21.14 16.15 -1.80
N PHE A 52 -20.80 15.14 -2.57
CA PHE A 52 -20.16 13.95 -2.02
C PHE A 52 -18.65 14.08 -2.18
N PHE A 53 -17.89 13.53 -1.23
CA PHE A 53 -16.43 13.64 -1.24
C PHE A 53 -15.81 12.26 -1.30
N SER A 54 -14.78 12.13 -2.14
CA SER A 54 -13.99 10.92 -2.18
C SER A 54 -13.08 10.84 -0.95
N PRO A 55 -12.57 9.66 -0.63
CA PRO A 55 -11.46 9.55 0.34
C PRO A 55 -10.26 10.30 -0.18
N PRO A 56 -9.53 10.99 0.70
CA PRO A 56 -8.26 11.62 0.29
C PRO A 56 -7.32 10.61 -0.33
N PHE A 57 -6.57 11.06 -1.33
CA PHE A 57 -5.52 10.23 -1.89
C PHE A 57 -4.31 11.09 -2.24
N TYR A 58 -3.14 10.49 -2.19
CA TYR A 58 -1.88 11.16 -2.50
C TYR A 58 -1.54 10.88 -3.96
N THR A 59 -0.96 11.88 -4.61
CA THR A 59 -0.59 11.72 -6.02
C THR A 59 0.43 10.62 -6.17
N HIS A 60 1.53 10.74 -5.44
CA HIS A 60 2.55 9.73 -5.29
C HIS A 60 2.87 9.63 -3.81
N ARG A 61 3.84 8.79 -3.47
CA ARG A 61 3.95 8.28 -2.10
C ARG A 61 4.07 9.41 -1.07
N TYR A 62 5.03 10.31 -1.25
CA TYR A 62 5.13 11.45 -0.34
C TYR A 62 4.76 12.74 -1.07
N GLY A 63 3.70 12.70 -1.86
CA GLY A 63 3.32 13.78 -2.75
C GLY A 63 2.15 14.62 -2.24
N TYR A 64 1.37 15.13 -3.19
CA TYR A 64 0.25 16.01 -2.88
C TYR A 64 -0.97 15.21 -2.45
N LYS A 65 -1.69 15.75 -1.45
CA LYS A 65 -2.94 15.16 -1.01
C LYS A 65 -4.08 15.82 -1.79
N LEU A 66 -4.80 15.02 -2.58
CA LEU A 66 -5.92 15.49 -3.39
C LEU A 66 -7.23 14.83 -2.98
N GLN A 67 -8.33 15.49 -3.34
CA GLN A 67 -9.65 14.94 -3.05
C GLN A 67 -10.62 15.31 -4.17
N VAL A 68 -11.38 14.32 -4.61
CA VAL A 68 -12.41 14.47 -5.64
C VAL A 68 -13.76 14.66 -4.96
N SER A 69 -14.61 15.47 -5.58
CA SER A 69 -15.99 15.61 -5.10
C SER A 69 -16.93 15.63 -6.28
N ALA A 70 -18.20 15.32 -5.99
CA ALA A 70 -19.22 15.25 -7.02
C ALA A 70 -20.53 15.80 -6.46
N PHE A 71 -21.31 16.39 -7.35
CA PHE A 71 -22.67 16.85 -7.11
C PHE A 71 -23.53 15.97 -8.01
N LEU A 72 -24.22 14.99 -7.41
CA LEU A 72 -24.96 14.04 -8.21
C LEU A 72 -26.09 14.71 -9.00
N ASN A 73 -26.64 15.79 -8.47
CA ASN A 73 -27.63 16.58 -9.18
C ASN A 73 -27.06 17.92 -9.60
N GLY A 74 -25.75 17.99 -9.76
CA GLY A 74 -25.17 19.11 -10.45
C GLY A 74 -24.96 20.33 -9.58
N ASN A 75 -24.02 21.16 -10.03
CA ASN A 75 -23.58 22.38 -9.39
C ASN A 75 -23.51 23.48 -10.43
N GLY A 76 -23.84 24.70 -10.04
CA GLY A 76 -23.77 25.82 -10.99
C GLY A 76 -24.63 25.56 -12.20
N SER A 77 -24.03 25.70 -13.38
CA SER A 77 -24.77 25.49 -14.62
C SER A 77 -25.20 24.04 -14.83
N GLY A 78 -24.73 23.11 -14.01
CA GLY A 78 -25.18 21.74 -14.10
C GLY A 78 -26.31 21.41 -13.16
N GLU A 79 -26.78 22.35 -12.36
CA GLU A 79 -27.77 22.04 -11.34
C GLU A 79 -29.05 21.51 -11.97
N GLY A 80 -29.51 20.37 -11.50
CA GLY A 80 -30.71 19.77 -12.04
C GLY A 80 -30.54 18.96 -13.30
N SER A 81 -29.37 18.99 -13.94
CA SER A 81 -29.21 18.29 -15.22
C SER A 81 -27.95 17.44 -15.35
N HIS A 82 -26.93 17.66 -14.53
CA HIS A 82 -25.64 17.03 -14.75
C HIS A 82 -25.09 16.51 -13.44
N LEU A 83 -24.17 15.55 -13.55
CA LEU A 83 -23.23 15.24 -12.48
C LEU A 83 -22.04 16.19 -12.65
N SER A 84 -21.70 16.93 -11.59
CA SER A 84 -20.56 17.83 -11.60
C SER A 84 -19.41 17.20 -10.79
N VAL A 85 -18.19 17.29 -11.32
CA VAL A 85 -17.02 16.67 -10.72
C VAL A 85 -15.94 17.73 -10.53
N TYR A 86 -15.33 17.74 -9.35
CA TYR A 86 -14.25 18.67 -9.01
C TYR A 86 -13.13 17.92 -8.31
N ILE A 87 -11.94 18.53 -8.35
CA ILE A 87 -10.81 18.05 -7.58
C ILE A 87 -10.23 19.21 -6.79
N ARG A 88 -9.65 18.90 -5.64
CA ARG A 88 -9.03 19.96 -4.86
C ARG A 88 -7.80 19.42 -4.12
N VAL A 89 -6.89 20.33 -3.84
CA VAL A 89 -5.68 20.07 -3.06
C VAL A 89 -6.06 20.19 -1.60
N LEU A 90 -5.65 19.22 -0.80
CA LEU A 90 -5.82 19.23 0.64
C LEU A 90 -4.48 19.50 1.31
N PRO A 91 -4.47 19.98 2.54
CA PRO A 91 -3.20 20.06 3.29
C PRO A 91 -2.64 18.67 3.52
N GLY A 92 -1.39 18.47 3.07
CA GLY A 92 -0.75 17.17 3.18
C GLY A 92 0.44 17.17 4.11
N GLU A 93 0.81 15.99 4.61
CA GLU A 93 1.88 15.93 5.62
C GLU A 93 3.25 16.30 5.06
N TYR A 94 3.41 16.39 3.73
CA TYR A 94 4.72 16.60 3.11
C TYR A 94 4.77 17.84 2.24
N ASP A 95 3.84 18.79 2.45
CA ASP A 95 3.67 19.89 1.52
C ASP A 95 4.95 20.71 1.35
N SER A 96 5.66 20.97 2.46
CA SER A 96 6.84 21.82 2.32
C SER A 96 7.98 21.16 1.58
N LEU A 97 7.86 19.88 1.21
CA LEU A 97 8.85 19.23 0.35
C LEU A 97 8.52 19.35 -1.14
N LEU A 98 7.34 19.86 -1.50
CA LEU A 98 6.85 19.77 -2.85
C LEU A 98 6.91 21.11 -3.58
N GLU A 99 6.78 21.04 -4.91
CA GLU A 99 6.72 22.23 -5.73
C GLU A 99 5.32 22.82 -5.69
N TRP A 100 5.25 24.14 -5.64
CA TRP A 100 3.98 24.84 -5.64
C TRP A 100 4.01 25.97 -6.65
N PRO A 101 2.88 26.26 -7.31
CA PRO A 101 1.57 25.61 -7.12
C PRO A 101 1.50 24.23 -7.76
N PHE A 102 0.48 23.47 -7.38
CA PHE A 102 0.26 22.16 -7.98
C PHE A 102 0.02 22.33 -9.47
N SER A 103 0.56 21.43 -10.27
CA SER A 103 0.51 21.65 -11.71
C SER A 103 0.46 20.40 -12.56
N TYR A 104 0.37 19.20 -11.98
CA TYR A 104 0.23 17.97 -12.77
C TYR A 104 -1.11 17.96 -13.51
N LYS A 105 -1.12 17.46 -14.74
CA LYS A 105 -2.38 17.43 -15.47
C LYS A 105 -3.31 16.36 -14.91
N VAL A 106 -4.58 16.73 -14.77
CA VAL A 106 -5.61 15.89 -14.15
C VAL A 106 -6.56 15.40 -15.23
N THR A 107 -6.98 14.14 -15.13
CA THR A 107 -7.96 13.59 -16.05
C THR A 107 -9.08 12.93 -15.26
N PHE A 108 -10.31 13.36 -15.51
CA PHE A 108 -11.51 12.79 -14.92
C PHE A 108 -12.15 11.82 -15.90
N SER A 109 -12.67 10.71 -15.38
CA SER A 109 -13.43 9.77 -16.20
C SER A 109 -14.64 9.29 -15.42
N ILE A 110 -15.75 9.12 -16.11
CA ILE A 110 -16.82 8.29 -15.59
C ILE A 110 -16.80 7.02 -16.42
N MET A 111 -16.74 5.88 -15.75
CA MET A 111 -16.47 4.62 -16.43
C MET A 111 -17.75 4.03 -17.01
N ASP A 112 -17.67 3.61 -18.27
CA ASP A 112 -18.69 2.77 -18.88
C ASP A 112 -18.42 1.34 -18.42
N GLN A 113 -19.30 0.81 -17.54
CA GLN A 113 -19.04 -0.47 -16.88
C GLN A 113 -19.53 -1.65 -17.73
N SER A 114 -18.83 -1.90 -18.83
CA SER A 114 -19.07 -3.11 -19.60
C SER A 114 -17.75 -3.86 -19.75
N ASP A 115 -17.85 -5.16 -20.09
CA ASP A 115 -16.67 -6.04 -20.24
C ASP A 115 -15.80 -5.62 -21.42
N PRO A 116 -14.53 -5.26 -21.21
CA PRO A 116 -13.71 -4.71 -22.31
C PRO A 116 -13.40 -5.71 -23.41
N SER A 117 -13.46 -7.00 -23.12
CA SER A 117 -13.35 -8.02 -24.15
C SER A 117 -14.66 -8.17 -24.92
N LEU A 118 -15.78 -8.06 -24.20
CA LEU A 118 -17.12 -8.35 -24.73
C LEU A 118 -17.71 -7.19 -25.54
N SER A 119 -17.12 -5.99 -25.45
CA SER A 119 -17.56 -4.73 -26.06
C SER A 119 -16.38 -3.77 -26.01
N LYS A 120 -16.60 -2.55 -26.45
CA LYS A 120 -15.55 -1.52 -26.26
C LYS A 120 -16.19 -0.46 -25.37
N PRO A 121 -15.80 -0.31 -24.11
CA PRO A 121 -16.42 0.65 -23.23
C PRO A 121 -16.19 2.09 -23.69
N GLN A 122 -17.22 2.92 -23.62
CA GLN A 122 -17.05 4.33 -24.04
C GLN A 122 -17.06 5.19 -22.79
N HIS A 123 -15.89 5.39 -22.19
CA HIS A 123 -15.78 6.21 -20.98
C HIS A 123 -15.80 7.68 -21.37
N ILE A 124 -16.40 8.50 -20.53
CA ILE A 124 -16.41 9.94 -20.74
C ILE A 124 -15.29 10.55 -19.95
N THR A 125 -14.47 11.37 -20.62
CA THR A 125 -13.21 11.87 -20.10
C THR A 125 -13.05 13.37 -20.34
N GLU A 126 -12.56 14.09 -19.33
CA GLU A 126 -12.06 15.45 -19.47
C GLU A 126 -10.68 15.51 -18.84
N THR A 127 -9.87 16.45 -19.30
CA THR A 127 -8.52 16.63 -18.79
C THR A 127 -8.18 18.11 -18.75
N PHE A 128 -7.54 18.59 -17.68
CA PHE A 128 -7.10 19.98 -17.64
C PHE A 128 -5.68 20.11 -17.12
N ASN A 129 -5.06 21.26 -17.44
CA ASN A 129 -3.77 21.61 -16.86
C ASN A 129 -4.01 22.64 -15.79
N PRO A 130 -3.64 22.36 -14.53
CA PRO A 130 -3.97 23.27 -13.43
C PRO A 130 -3.53 24.70 -13.69
N ASP A 131 -4.44 25.63 -13.42
CA ASP A 131 -4.15 27.06 -13.56
C ASP A 131 -3.25 27.51 -12.41
N PRO A 132 -2.09 28.10 -12.70
CA PRO A 132 -1.21 28.54 -11.60
C PRO A 132 -1.80 29.60 -10.70
N ASN A 133 -2.86 30.29 -11.12
CA ASN A 133 -3.48 31.33 -10.29
C ASN A 133 -4.66 30.81 -9.48
N TRP A 134 -5.01 29.54 -9.65
CA TRP A 134 -6.14 28.96 -8.93
C TRP A 134 -5.81 28.89 -7.44
N LYS A 135 -6.57 29.58 -6.62
CA LYS A 135 -6.25 29.71 -5.18
C LYS A 135 -6.04 28.37 -4.51
N ASN A 136 -6.87 27.37 -4.83
CA ASN A 136 -6.75 26.08 -4.16
C ASN A 136 -5.49 25.33 -4.57
N PHE A 137 -4.94 25.62 -5.76
CA PHE A 137 -3.72 24.94 -6.18
C PHE A 137 -2.45 25.54 -5.60
N GLN A 138 -2.57 26.56 -4.75
CA GLN A 138 -1.44 27.12 -4.02
C GLN A 138 -1.24 26.34 -2.71
N LYS A 139 -0.07 26.52 -2.12
CA LYS A 139 0.32 25.77 -0.92
C LYS A 139 -0.66 26.00 0.22
N PRO A 140 -1.29 24.97 0.74
CA PRO A 140 -2.21 25.14 1.87
C PRO A 140 -1.48 25.57 3.12
N SER A 141 -2.27 26.02 4.10
CA SER A 141 -1.76 26.26 5.45
C SER A 141 -1.28 24.92 5.98
N THR A 151 -11.76 26.74 0.25
CA THR A 151 -11.26 25.76 -0.71
C THR A 151 -12.23 25.55 -1.87
N LEU A 152 -12.00 26.21 -3.01
CA LEU A 152 -12.79 25.94 -4.20
C LEU A 152 -12.04 24.96 -5.09
N GLY A 153 -12.66 23.83 -5.37
CA GLY A 153 -12.02 22.87 -6.23
C GLY A 153 -12.20 23.26 -7.68
N PHE A 154 -11.38 22.69 -8.55
CA PHE A 154 -11.51 22.95 -9.97
C PHE A 154 -12.19 21.76 -10.64
N GLY A 155 -13.04 22.03 -11.61
CA GLY A 155 -13.66 20.92 -12.29
C GLY A 155 -14.65 21.24 -13.39
N TYR A 156 -15.64 20.37 -13.52
CA TYR A 156 -16.60 20.41 -14.63
C TYR A 156 -18.04 20.38 -14.10
N PRO A 157 -18.78 21.49 -14.17
CA PRO A 157 -20.17 21.46 -13.69
C PRO A 157 -21.07 20.60 -14.55
N LYS A 158 -20.78 20.47 -15.84
CA LYS A 158 -21.63 19.68 -16.71
C LYS A 158 -20.86 18.46 -17.23
N PHE A 159 -20.27 17.69 -16.34
CA PHE A 159 -19.41 16.59 -16.74
C PHE A 159 -20.18 15.52 -17.51
N ILE A 160 -21.35 15.13 -17.00
CA ILE A 160 -22.18 14.18 -17.72
C ILE A 160 -23.62 14.45 -17.32
N SER A 161 -24.52 14.44 -18.29
CA SER A 161 -25.90 14.82 -18.02
C SER A 161 -26.70 13.63 -17.49
N HIS A 162 -27.77 13.92 -16.78
CA HIS A 162 -28.64 12.86 -16.27
C HIS A 162 -29.14 11.95 -17.39
N GLU A 163 -29.35 12.50 -18.59
CA GLU A 163 -29.82 11.70 -19.70
C GLU A 163 -28.73 10.78 -20.21
N GLU A 164 -27.47 11.23 -20.18
CA GLU A 164 -26.37 10.41 -20.65
C GLU A 164 -25.99 9.33 -19.63
N ILE A 165 -26.05 9.63 -18.34
CA ILE A 165 -25.62 8.63 -17.37
C ILE A 165 -26.56 7.42 -17.34
N LYS A 166 -27.80 7.60 -17.85
CA LYS A 166 -28.77 6.50 -17.99
C LYS A 166 -28.48 5.62 -19.18
N LYS A 167 -27.57 6.03 -20.06
CA LYS A 167 -27.25 5.25 -21.24
C LYS A 167 -26.04 4.35 -20.95
N ARG A 168 -25.75 3.44 -21.89
CA ARG A 168 -24.65 2.44 -21.78
C ARG A 168 -24.63 1.88 -20.37
N ASN A 169 -23.46 1.80 -19.70
CA ASN A 169 -23.36 1.24 -18.36
C ASN A 169 -22.64 2.22 -17.41
N TYR A 170 -22.89 3.52 -17.57
CA TYR A 170 -22.34 4.45 -16.60
C TYR A 170 -22.94 4.21 -15.21
N VAL A 171 -24.15 3.68 -15.13
CA VAL A 171 -24.69 3.16 -13.89
C VAL A 171 -24.89 1.67 -14.07
N ARG A 172 -24.42 0.89 -13.11
CA ARG A 172 -24.56 -0.55 -13.19
C ARG A 172 -24.50 -1.08 -11.77
N ASP A 173 -25.38 -2.04 -11.46
CA ASP A 173 -25.51 -2.52 -10.09
C ASP A 173 -25.62 -1.37 -9.10
N ASN A 174 -26.43 -0.38 -9.50
CA ASN A 174 -26.67 0.85 -8.75
C ASN A 174 -25.41 1.47 -8.17
N SER A 175 -24.34 1.52 -8.97
CA SER A 175 -23.16 2.31 -8.58
C SER A 175 -22.49 2.96 -9.79
N VAL A 176 -21.72 4.01 -9.52
CA VAL A 176 -20.93 4.64 -10.57
C VAL A 176 -19.47 4.73 -10.12
N PHE A 177 -18.57 4.77 -11.10
CA PHE A 177 -17.13 4.84 -10.90
C PHE A 177 -16.61 6.14 -11.49
N ILE A 178 -16.11 7.03 -10.64
CA ILE A 178 -15.35 8.21 -11.05
C ILE A 178 -13.86 7.89 -10.91
N LYS A 179 -13.10 8.11 -11.96
CA LYS A 179 -11.66 7.90 -11.96
C LYS A 179 -10.97 9.25 -12.08
N ALA A 180 -9.98 9.50 -11.23
CA ALA A 180 -9.12 10.68 -11.37
C ALA A 180 -7.72 10.18 -11.63
N SER A 181 -7.08 10.73 -12.65
CA SER A 181 -5.76 10.29 -13.05
C SER A 181 -4.83 11.49 -13.12
N ILE A 182 -3.72 11.42 -12.39
CA ILE A 182 -2.75 12.51 -12.32
C ILE A 182 -1.49 12.07 -13.04
N GLU A 183 -0.96 12.95 -13.89
CA GLU A 183 0.24 12.66 -14.67
C GLU A 183 1.47 13.03 -13.85
N ILE A 184 2.18 12.01 -13.36
CA ILE A 184 3.38 12.17 -12.54
C ILE A 184 4.61 12.14 -13.46
N PRO A 185 5.49 13.14 -13.39
CA PRO A 185 6.61 13.19 -14.36
C PRO A 185 7.64 12.07 -14.19
N GLN A 186 7.85 11.59 -12.96
CA GLN A 186 8.78 10.49 -12.67
C GLN A 186 10.17 10.67 -13.30
N GLU B 14 -16.22 1.21 8.27
CA GLU B 14 -15.73 -0.01 8.91
C GLU B 14 -14.24 -0.20 8.64
N LEU B 15 -13.45 -0.12 9.72
CA LEU B 15 -12.01 -0.23 9.59
C LEU B 15 -11.56 -1.63 9.21
N ARG B 16 -12.37 -2.67 9.52
CA ARG B 16 -12.11 -4.00 8.97
C ARG B 16 -12.32 -4.04 7.47
N ARG B 17 -13.36 -3.36 6.99
CA ARG B 17 -13.71 -3.43 5.58
C ARG B 17 -12.69 -2.72 4.70
N GLU B 18 -12.17 -1.57 5.15
CA GLU B 18 -11.12 -0.90 4.40
C GLU B 18 -9.74 -1.47 4.70
N MET B 19 -9.62 -2.30 5.75
CA MET B 19 -8.46 -3.17 5.90
C MET B 19 -8.32 -4.06 4.67
N GLU B 20 -9.43 -4.66 4.25
CA GLU B 20 -9.42 -5.59 3.12
C GLU B 20 -9.14 -4.89 1.79
N GLU B 21 -9.59 -3.65 1.61
CA GLU B 21 -9.38 -2.97 0.34
C GLU B 21 -7.94 -2.48 0.12
N LEU B 22 -7.11 -2.42 1.17
CA LEU B 22 -5.69 -2.14 0.96
C LEU B 22 -4.84 -3.40 0.88
N SER B 23 -5.48 -4.56 0.75
CA SER B 23 -4.77 -5.82 0.53
C SER B 23 -4.66 -6.04 -0.97
N VAL B 24 -3.45 -5.80 -1.50
CA VAL B 24 -3.11 -5.92 -2.92
C VAL B 24 -1.80 -6.66 -3.00
N SER B 25 -1.65 -7.48 -4.02
CA SER B 25 -0.38 -8.15 -4.28
C SER B 25 0.62 -7.21 -4.94
N HIS B 26 1.88 -7.35 -4.54
CA HIS B 26 2.98 -6.61 -5.14
C HIS B 26 3.47 -7.36 -6.36
N ASP B 27 3.21 -6.81 -7.54
CA ASP B 27 3.55 -7.45 -8.82
C ASP B 27 2.82 -8.78 -8.99
N GLY B 28 1.63 -8.89 -8.41
CA GLY B 28 0.83 -10.11 -8.51
C GLY B 28 1.10 -11.18 -7.48
N VAL B 29 1.91 -10.88 -6.46
CA VAL B 29 2.45 -11.90 -5.56
C VAL B 29 1.80 -11.76 -4.19
N LEU B 30 1.23 -12.86 -3.69
CA LEU B 30 0.78 -12.95 -2.31
C LEU B 30 1.53 -14.05 -1.58
N ILE B 31 2.11 -13.72 -0.43
CA ILE B 31 2.76 -14.70 0.43
C ILE B 31 1.92 -14.84 1.68
N TRP B 32 1.42 -16.05 1.94
CA TRP B 32 0.51 -16.32 3.05
C TRP B 32 1.28 -17.09 4.11
N LYS B 33 1.47 -16.47 5.27
CA LYS B 33 2.19 -17.12 6.36
C LYS B 33 1.19 -17.83 7.27
N LEU B 34 1.39 -19.13 7.46
CA LEU B 34 0.62 -19.91 8.42
C LEU B 34 1.52 -20.15 9.60
N SER B 35 1.21 -19.52 10.73
CA SER B 35 2.03 -19.72 11.90
C SER B 35 1.37 -20.77 12.79
N ASP B 36 2.16 -21.29 13.71
CA ASP B 36 1.66 -22.30 14.64
C ASP B 36 1.17 -23.51 13.85
N TYR B 37 2.05 -23.99 12.96
CA TYR B 37 1.66 -25.04 12.04
C TYR B 37 1.24 -26.30 12.78
N SER B 38 2.05 -26.72 13.76
CA SER B 38 1.79 -27.97 14.47
C SER B 38 0.43 -27.95 15.18
N ARG B 39 0.05 -26.83 15.75
CA ARG B 39 -1.26 -26.77 16.42
C ARG B 39 -2.37 -26.78 15.38
N LYS B 40 -2.17 -26.12 14.26
CA LYS B 40 -3.18 -26.09 13.22
C LYS B 40 -3.30 -27.45 12.54
N LEU B 41 -2.18 -28.14 12.33
CA LEU B 41 -2.21 -29.47 11.74
C LEU B 41 -3.00 -30.44 12.62
N GLN B 42 -2.77 -30.37 13.92
CA GLN B 42 -3.46 -31.25 14.84
C GLN B 42 -4.96 -31.03 14.80
N GLU B 43 -5.41 -29.77 14.71
CA GLU B 43 -6.83 -29.50 14.55
C GLU B 43 -7.34 -30.04 13.22
N ALA B 44 -6.54 -29.91 12.18
CA ALA B 44 -6.98 -30.38 10.88
C ALA B 44 -7.13 -31.90 10.88
N LYS B 45 -6.26 -32.61 11.60
CA LYS B 45 -6.35 -34.05 11.62
C LYS B 45 -7.59 -34.55 12.36
N ILE B 46 -8.21 -33.71 13.18
CA ILE B 46 -9.48 -34.07 13.81
C ILE B 46 -10.64 -33.76 12.88
N ARG B 47 -10.67 -32.54 12.34
CA ARG B 47 -11.79 -32.06 11.54
C ARG B 47 -11.61 -32.56 10.10
N SER B 48 -12.61 -33.27 9.57
CA SER B 48 -12.42 -33.98 8.30
C SER B 48 -12.18 -33.07 7.10
N ASN B 49 -12.82 -31.90 7.04
CA ASN B 49 -12.60 -30.98 5.93
C ASN B 49 -12.22 -29.60 6.46
N HIS B 50 -11.12 -29.54 7.20
CA HIS B 50 -10.73 -28.31 7.88
C HIS B 50 -9.91 -27.45 6.93
N GLU B 51 -10.47 -26.30 6.55
CA GLU B 51 -9.91 -25.44 5.53
C GLU B 51 -9.51 -24.09 6.14
N PHE B 52 -8.25 -23.71 5.96
CA PHE B 52 -7.80 -22.39 6.35
C PHE B 52 -7.86 -21.46 5.14
N PHE B 53 -8.15 -20.18 5.38
CA PHE B 53 -8.30 -19.19 4.32
C PHE B 53 -7.28 -18.08 4.52
N SER B 54 -6.66 -17.66 3.42
CA SER B 54 -5.78 -16.52 3.42
C SER B 54 -6.60 -15.23 3.50
N PRO B 55 -5.97 -14.11 3.87
CA PRO B 55 -6.61 -12.80 3.69
C PRO B 55 -6.87 -12.57 2.22
N PRO B 56 -8.01 -11.96 1.87
CA PRO B 56 -8.24 -11.58 0.48
C PRO B 56 -7.13 -10.70 -0.05
N PHE B 57 -6.81 -10.87 -1.33
CA PHE B 57 -5.86 -9.98 -1.98
C PHE B 57 -6.32 -9.71 -3.41
N TYR B 58 -5.95 -8.54 -3.91
CA TYR B 58 -6.29 -8.12 -5.26
C TYR B 58 -5.11 -8.44 -6.18
N THR B 59 -5.42 -8.81 -7.43
CA THR B 59 -4.36 -9.13 -8.36
C THR B 59 -3.51 -7.89 -8.63
N HIS B 60 -4.16 -6.81 -9.03
CA HIS B 60 -3.58 -5.48 -9.18
C HIS B 60 -4.55 -4.51 -8.55
N ARG B 61 -4.23 -3.22 -8.65
CA ARG B 61 -4.82 -2.25 -7.74
C ARG B 61 -6.35 -2.25 -7.80
N TYR B 62 -6.92 -2.09 -8.99
CA TYR B 62 -8.37 -2.16 -9.11
C TYR B 62 -8.81 -3.42 -9.86
N GLY B 63 -8.19 -4.55 -9.54
CA GLY B 63 -8.36 -5.79 -10.26
C GLY B 63 -9.25 -6.79 -9.55
N TYR B 64 -8.94 -8.08 -9.77
CA TYR B 64 -9.71 -9.18 -9.23
C TYR B 64 -9.36 -9.46 -7.77
N LYS B 65 -10.38 -9.75 -6.98
CA LYS B 65 -10.19 -10.16 -5.60
C LYS B 65 -10.09 -11.67 -5.54
N LEU B 66 -8.93 -12.19 -5.12
CA LEU B 66 -8.66 -13.62 -5.02
C LEU B 66 -8.42 -14.03 -3.57
N GLN B 67 -8.58 -15.31 -3.30
CA GLN B 67 -8.31 -15.84 -1.97
C GLN B 67 -7.78 -17.26 -2.09
N VAL B 68 -6.71 -17.54 -1.34
CA VAL B 68 -6.07 -18.85 -1.26
C VAL B 68 -6.60 -19.59 -0.05
N SER B 69 -6.72 -20.93 -0.17
CA SER B 69 -7.08 -21.73 0.99
C SER B 69 -6.25 -22.99 0.99
N ALA B 70 -6.15 -23.61 2.16
CA ALA B 70 -5.36 -24.80 2.34
C ALA B 70 -6.08 -25.74 3.30
N PHE B 71 -5.88 -27.03 3.07
CA PHE B 71 -6.32 -28.12 3.93
C PHE B 71 -5.03 -28.73 4.46
N LEU B 72 -4.71 -28.45 5.72
CA LEU B 72 -3.43 -28.89 6.24
C LEU B 72 -3.32 -30.41 6.27
N ASN B 73 -4.44 -31.11 6.45
CA ASN B 73 -4.46 -32.56 6.38
C ASN B 73 -5.20 -33.03 5.12
N GLY B 74 -5.20 -32.20 4.10
CA GLY B 74 -5.57 -32.67 2.79
C GLY B 74 -7.07 -32.70 2.54
N ASN B 75 -7.39 -32.63 1.25
CA ASN B 75 -8.74 -32.62 0.74
C ASN B 75 -8.82 -33.64 -0.40
N GLY B 76 -9.97 -34.27 -0.54
CA GLY B 76 -10.13 -35.23 -1.63
C GLY B 76 -9.09 -36.33 -1.57
N SER B 77 -8.40 -36.55 -2.69
CA SER B 77 -7.37 -37.58 -2.73
C SER B 77 -6.16 -37.24 -1.87
N GLY B 78 -6.08 -36.04 -1.32
CA GLY B 78 -4.99 -35.74 -0.42
C GLY B 78 -5.32 -35.93 1.03
N GLU B 79 -6.54 -36.34 1.36
CA GLU B 79 -6.94 -36.40 2.76
C GLU B 79 -6.07 -37.37 3.56
N GLY B 80 -5.53 -36.90 4.67
CA GLY B 80 -4.68 -37.72 5.49
C GLY B 80 -3.24 -37.82 5.04
N SER B 81 -2.87 -37.31 3.87
CA SER B 81 -1.51 -37.48 3.39
C SER B 81 -0.84 -36.21 2.85
N HIS B 82 -1.60 -35.19 2.50
CA HIS B 82 -1.04 -34.05 1.77
C HIS B 82 -1.60 -32.76 2.33
N LEU B 83 -0.88 -31.67 2.09
CA LEU B 83 -1.43 -30.32 2.14
C LEU B 83 -2.06 -30.03 0.77
N SER B 84 -3.33 -29.63 0.78
CA SER B 84 -4.05 -29.27 -0.43
C SER B 84 -4.18 -27.75 -0.50
N VAL B 85 -3.97 -27.18 -1.69
CA VAL B 85 -3.98 -25.72 -1.89
C VAL B 85 -4.95 -25.38 -3.02
N TYR B 86 -5.78 -24.37 -2.79
CA TYR B 86 -6.74 -23.89 -3.78
C TYR B 86 -6.72 -22.38 -3.83
N ILE B 87 -7.19 -21.85 -4.96
CA ILE B 87 -7.43 -20.42 -5.10
C ILE B 87 -8.84 -20.22 -5.62
N ARG B 88 -9.44 -19.10 -5.24
CA ARG B 88 -10.77 -18.79 -5.74
C ARG B 88 -10.93 -17.28 -5.93
N VAL B 89 -11.85 -16.94 -6.84
CA VAL B 89 -12.24 -15.57 -7.11
C VAL B 89 -13.32 -15.17 -6.11
N LEU B 90 -13.17 -14.00 -5.52
CA LEU B 90 -14.15 -13.43 -4.62
C LEU B 90 -14.88 -12.29 -5.32
N PRO B 91 -16.09 -11.95 -4.87
CA PRO B 91 -16.72 -10.71 -5.36
C PRO B 91 -15.88 -9.51 -4.97
N GLY B 92 -15.49 -8.72 -5.97
CA GLY B 92 -14.64 -7.57 -5.76
C GLY B 92 -15.34 -6.27 -6.08
N GLU B 93 -14.85 -5.16 -5.53
CA GLU B 93 -15.54 -3.89 -5.69
C GLU B 93 -15.51 -3.35 -7.12
N TYR B 94 -14.67 -3.91 -8.01
CA TYR B 94 -14.45 -3.36 -9.34
C TYR B 94 -14.77 -4.38 -10.43
N ASP B 95 -15.55 -5.42 -10.11
CA ASP B 95 -15.70 -6.55 -11.01
C ASP B 95 -16.26 -6.11 -12.37
N SER B 96 -17.21 -5.20 -12.38
CA SER B 96 -17.82 -4.85 -13.66
C SER B 96 -16.89 -4.06 -14.57
N LEU B 97 -15.68 -3.68 -14.10
CA LEU B 97 -14.67 -3.08 -14.96
C LEU B 97 -13.73 -4.11 -15.59
N LEU B 98 -13.80 -5.38 -15.20
CA LEU B 98 -12.78 -6.36 -15.57
C LEU B 98 -13.29 -7.33 -16.64
N GLU B 99 -12.32 -8.03 -17.24
CA GLU B 99 -12.62 -9.06 -18.22
C GLU B 99 -13.00 -10.34 -17.51
N TRP B 100 -13.99 -11.03 -18.05
CA TRP B 100 -14.42 -12.29 -17.48
C TRP B 100 -14.54 -13.32 -18.59
N PRO B 101 -14.25 -14.61 -18.29
CA PRO B 101 -13.84 -15.11 -16.97
C PRO B 101 -12.40 -14.79 -16.63
N PHE B 102 -12.06 -14.93 -15.36
CA PHE B 102 -10.68 -14.72 -14.91
C PHE B 102 -9.78 -15.70 -15.65
N SER B 103 -8.59 -15.26 -16.03
CA SER B 103 -7.78 -16.10 -16.89
C SER B 103 -6.27 -15.94 -16.73
N TYR B 104 -5.81 -15.12 -15.79
CA TYR B 104 -4.37 -15.00 -15.55
C TYR B 104 -3.81 -16.32 -15.01
N LYS B 105 -2.61 -16.68 -15.45
CA LYS B 105 -2.04 -17.93 -14.96
C LYS B 105 -1.58 -17.79 -13.50
N VAL B 106 -1.89 -18.80 -12.70
CA VAL B 106 -1.65 -18.81 -11.27
C VAL B 106 -0.50 -19.76 -10.97
N THR B 107 0.36 -19.38 -10.04
CA THR B 107 1.46 -20.25 -9.62
C THR B 107 1.46 -20.35 -8.10
N PHE B 108 1.39 -21.59 -7.60
CA PHE B 108 1.45 -21.90 -6.19
C PHE B 108 2.86 -22.34 -5.80
N SER B 109 3.32 -21.89 -4.64
CA SER B 109 4.60 -22.36 -4.11
C SER B 109 4.47 -22.59 -2.62
N ILE B 110 5.10 -23.64 -2.12
CA ILE B 110 5.42 -23.73 -0.71
C ILE B 110 6.91 -23.49 -0.59
N MET B 111 7.28 -22.54 0.26
CA MET B 111 8.65 -22.05 0.29
C MET B 111 9.55 -22.95 1.13
N ASP B 112 10.70 -23.29 0.58
CA ASP B 112 11.78 -23.89 1.34
C ASP B 112 12.49 -22.77 2.09
N GLN B 113 12.33 -22.72 3.41
CA GLN B 113 12.81 -21.58 4.20
C GLN B 113 14.26 -21.76 4.63
N SER B 114 15.17 -21.67 3.67
CA SER B 114 16.59 -21.63 3.99
C SER B 114 17.23 -20.38 3.36
N ASP B 115 18.41 -20.00 3.86
CA ASP B 115 19.11 -18.78 3.38
C ASP B 115 19.55 -18.94 1.94
N PRO B 116 19.11 -18.07 1.03
CA PRO B 116 19.44 -18.26 -0.40
C PRO B 116 20.92 -18.11 -0.70
N SER B 117 21.70 -17.50 0.20
CA SER B 117 23.15 -17.44 0.05
C SER B 117 23.83 -18.74 0.46
N LEU B 118 23.40 -19.36 1.57
CA LEU B 118 24.06 -20.56 2.09
C LEU B 118 23.66 -21.86 1.39
N SER B 119 22.64 -21.85 0.54
CA SER B 119 22.15 -23.04 -0.15
C SER B 119 21.29 -22.56 -1.30
N LYS B 120 20.80 -23.49 -2.09
CA LYS B 120 19.75 -23.10 -3.01
C LYS B 120 18.43 -23.68 -2.54
N PRO B 121 17.48 -22.84 -2.13
CA PRO B 121 16.20 -23.37 -1.65
C PRO B 121 15.48 -24.10 -2.77
N GLN B 122 14.69 -25.10 -2.39
CA GLN B 122 13.95 -25.90 -3.35
C GLN B 122 12.48 -25.73 -3.08
N HIS B 123 11.90 -24.65 -3.60
CA HIS B 123 10.47 -24.47 -3.43
C HIS B 123 9.75 -25.48 -4.31
N ILE B 124 8.60 -25.95 -3.81
CA ILE B 124 7.71 -26.82 -4.55
C ILE B 124 6.71 -25.93 -5.27
N THR B 125 6.55 -26.11 -6.59
CA THR B 125 5.76 -25.19 -7.40
C THR B 125 4.81 -25.92 -8.35
N GLU B 126 3.59 -25.42 -8.48
CA GLU B 126 2.66 -25.80 -9.53
C GLU B 126 2.11 -24.53 -10.17
N THR B 127 1.70 -24.65 -11.43
CA THR B 127 1.16 -23.51 -12.16
C THR B 127 0.04 -23.99 -13.08
N PHE B 128 -1.07 -23.24 -13.15
CA PHE B 128 -2.14 -23.63 -14.08
C PHE B 128 -2.68 -22.42 -14.83
N ASN B 129 -3.32 -22.69 -15.99
CA ASN B 129 -4.03 -21.66 -16.73
C ASN B 129 -5.50 -21.82 -16.46
N PRO B 130 -6.18 -20.82 -15.89
CA PRO B 130 -7.57 -20.99 -15.46
C PRO B 130 -8.48 -21.52 -16.57
N ASP B 131 -9.29 -22.50 -16.22
CA ASP B 131 -10.25 -23.08 -17.15
C ASP B 131 -11.40 -22.12 -17.38
N PRO B 132 -11.69 -21.74 -18.64
CA PRO B 132 -12.79 -20.80 -18.89
C PRO B 132 -14.16 -21.29 -18.47
N ASN B 133 -14.34 -22.58 -18.24
CA ASN B 133 -15.65 -23.11 -17.86
C ASN B 133 -15.79 -23.28 -16.35
N TRP B 134 -14.75 -23.01 -15.60
CA TRP B 134 -14.77 -23.14 -14.14
C TRP B 134 -15.74 -22.14 -13.52
N LYS B 135 -16.77 -22.64 -12.82
CA LYS B 135 -17.82 -21.73 -12.36
C LYS B 135 -17.25 -20.58 -11.55
N ASN B 136 -16.31 -20.86 -10.64
CA ASN B 136 -15.82 -19.81 -9.76
C ASN B 136 -15.07 -18.73 -10.52
N PHE B 137 -14.49 -19.06 -11.67
CA PHE B 137 -13.76 -18.07 -12.46
C PHE B 137 -14.66 -17.20 -13.32
N GLN B 138 -15.98 -17.40 -13.26
CA GLN B 138 -16.92 -16.52 -13.92
C GLN B 138 -17.25 -15.35 -13.01
N LYS B 139 -17.83 -14.32 -13.59
CA LYS B 139 -18.06 -13.07 -12.87
C LYS B 139 -18.87 -13.33 -11.61
N PRO B 140 -18.38 -12.96 -10.44
CA PRO B 140 -19.12 -13.26 -9.22
C PRO B 140 -20.45 -12.54 -9.18
N SER B 141 -21.33 -13.12 -8.39
CA SER B 141 -22.76 -12.88 -8.48
C SER B 141 -23.20 -11.60 -7.78
N THR B 151 -18.57 -21.29 -6.52
CA THR B 151 -17.78 -20.90 -5.33
C THR B 151 -16.69 -21.91 -4.95
N LEU B 152 -16.51 -22.97 -5.75
CA LEU B 152 -15.44 -23.95 -5.51
C LEU B 152 -14.15 -23.47 -6.14
N GLY B 153 -13.09 -23.42 -5.33
CA GLY B 153 -11.82 -22.97 -5.84
C GLY B 153 -11.12 -24.05 -6.65
N PHE B 154 -10.12 -23.62 -7.42
CA PHE B 154 -9.33 -24.55 -8.23
C PHE B 154 -7.99 -24.76 -7.55
N GLY B 155 -7.48 -25.99 -7.64
CA GLY B 155 -6.17 -26.22 -7.06
C GLY B 155 -5.58 -27.62 -7.14
N TYR B 156 -4.81 -27.97 -6.12
CA TYR B 156 -4.02 -29.20 -6.06
C TYR B 156 -4.30 -29.94 -4.76
N PRO B 157 -5.02 -31.06 -4.80
CA PRO B 157 -5.27 -31.80 -3.56
C PRO B 157 -4.02 -32.44 -2.99
N LYS B 158 -3.06 -32.80 -3.83
CA LYS B 158 -1.84 -33.42 -3.34
C LYS B 158 -0.65 -32.51 -3.59
N PHE B 159 -0.73 -31.26 -3.15
CA PHE B 159 0.30 -30.29 -3.46
C PHE B 159 1.65 -30.68 -2.84
N ILE B 160 1.65 -31.07 -1.58
CA ILE B 160 2.88 -31.57 -0.96
C ILE B 160 2.48 -32.53 0.14
N SER B 161 3.21 -33.64 0.23
CA SER B 161 2.80 -34.68 1.16
C SER B 161 3.34 -34.39 2.56
N HIS B 162 2.68 -34.97 3.57
CA HIS B 162 3.15 -34.82 4.94
C HIS B 162 4.58 -35.28 5.10
N GLU B 163 5.01 -36.28 4.31
CA GLU B 163 6.38 -36.75 4.41
C GLU B 163 7.35 -35.75 3.81
N GLU B 164 6.94 -35.07 2.74
CA GLU B 164 7.83 -34.11 2.12
C GLU B 164 7.90 -32.81 2.90
N ILE B 165 6.78 -32.37 3.50
CA ILE B 165 6.83 -31.09 4.20
C ILE B 165 7.74 -31.14 5.43
N LYS B 166 8.01 -32.36 5.94
CA LYS B 166 8.93 -32.59 7.05
C LYS B 166 10.38 -32.53 6.62
N LYS B 167 10.66 -32.49 5.33
CA LYS B 167 12.02 -32.43 4.83
C LYS B 167 12.42 -30.97 4.58
N ARG B 168 13.70 -30.75 4.29
CA ARG B 168 14.33 -29.43 4.05
C ARG B 168 13.77 -28.45 5.08
N ASN B 169 13.32 -27.25 4.68
CA ASN B 169 12.81 -26.24 5.60
C ASN B 169 11.42 -25.75 5.16
N TYR B 170 10.58 -26.64 4.63
CA TYR B 170 9.23 -26.25 4.34
C TYR B 170 8.46 -25.89 5.62
N VAL B 171 8.84 -26.46 6.75
CA VAL B 171 8.39 -26.00 8.06
C VAL B 171 9.61 -25.48 8.81
N ARG B 172 9.49 -24.29 9.38
CA ARG B 172 10.60 -23.71 10.11
C ARG B 172 10.03 -22.73 11.09
N ASP B 173 10.55 -22.73 12.31
CA ASP B 173 9.97 -21.93 13.39
C ASP B 173 8.47 -22.13 13.45
N ASN B 174 8.08 -23.39 13.28
CA ASN B 174 6.68 -23.80 13.27
C ASN B 174 5.77 -22.90 12.45
N SER B 175 6.22 -22.52 11.26
CA SER B 175 5.31 -21.88 10.31
C SER B 175 5.63 -22.32 8.88
N VAL B 176 4.63 -22.17 8.01
CA VAL B 176 4.86 -22.44 6.59
C VAL B 176 4.41 -21.22 5.79
N PHE B 177 5.01 -21.07 4.60
CA PHE B 177 4.73 -19.98 3.68
C PHE B 177 4.16 -20.53 2.38
N ILE B 178 2.91 -20.19 2.08
CA ILE B 178 2.31 -20.44 0.77
C ILE B 178 2.39 -19.15 -0.03
N LYS B 179 2.94 -19.23 -1.24
CA LYS B 179 3.02 -18.09 -2.14
C LYS B 179 2.10 -18.33 -3.32
N ALA B 180 1.27 -17.35 -3.65
CA ALA B 180 0.47 -17.38 -4.87
C ALA B 180 0.92 -16.19 -5.71
N SER B 181 1.23 -16.45 -6.96
CA SER B 181 1.67 -15.38 -7.84
C SER B 181 0.86 -15.44 -9.14
N ILE B 182 0.29 -14.30 -9.52
CA ILE B 182 -0.58 -14.20 -10.69
C ILE B 182 0.17 -13.42 -11.76
N GLU B 183 0.12 -13.92 -13.00
CA GLU B 183 0.79 -13.29 -14.12
C GLU B 183 -0.09 -12.23 -14.74
N ILE B 184 0.24 -10.97 -14.48
CA ILE B 184 -0.49 -9.82 -15.01
C ILE B 184 0.15 -9.31 -16.31
N PRO B 185 -0.62 -9.14 -17.38
CA PRO B 185 0.00 -8.79 -18.68
C PRO B 185 0.60 -7.38 -18.72
N GLN B 186 0.06 -6.44 -17.95
CA GLN B 186 0.57 -5.07 -17.88
C GLN B 186 0.79 -4.41 -19.24
N GLU C 14 -5.63 -8.29 15.27
CA GLU C 14 -5.20 -7.02 15.84
C GLU C 14 -4.99 -5.99 14.73
N LEU C 15 -5.86 -4.98 14.70
CA LEU C 15 -5.79 -3.98 13.64
C LEU C 15 -4.56 -3.07 13.76
N ARG C 16 -4.00 -2.91 14.96
CA ARG C 16 -2.71 -2.22 15.08
C ARG C 16 -1.56 -3.09 14.57
N ARG C 17 -1.62 -4.40 14.80
CA ARG C 17 -0.54 -5.29 14.34
C ARG C 17 -0.57 -5.43 12.81
N GLU C 18 -1.77 -5.49 12.21
CA GLU C 18 -1.84 -5.54 10.75
C GLU C 18 -1.73 -4.16 10.12
N MET C 19 -1.85 -3.09 10.93
CA MET C 19 -1.41 -1.76 10.52
C MET C 19 0.07 -1.77 10.17
N GLU C 20 0.87 -2.44 11.02
CA GLU C 20 2.32 -2.46 10.86
C GLU C 20 2.77 -3.26 9.62
N GLU C 21 2.03 -4.32 9.26
CA GLU C 21 2.43 -5.12 8.12
C GLU C 21 2.14 -4.43 6.78
N LEU C 22 1.35 -3.37 6.75
CA LEU C 22 1.16 -2.59 5.55
C LEU C 22 2.10 -1.38 5.46
N SER C 23 3.08 -1.30 6.36
CA SER C 23 4.11 -0.27 6.32
C SER C 23 5.29 -0.81 5.52
N VAL C 24 5.43 -0.31 4.28
CA VAL C 24 6.46 -0.71 3.32
C VAL C 24 7.00 0.57 2.73
N SER C 25 8.28 0.60 2.44
CA SER C 25 8.89 1.72 1.74
C SER C 25 8.60 1.63 0.24
N HIS C 26 8.36 2.80 -0.37
CA HIS C 26 8.19 2.93 -1.81
C HIS C 26 9.56 3.10 -2.44
N ASP C 27 10.00 2.07 -3.17
CA ASP C 27 11.34 2.04 -3.79
C ASP C 27 12.45 2.08 -2.73
N GLY C 28 12.18 1.53 -1.55
CA GLY C 28 13.16 1.50 -0.48
C GLY C 28 13.21 2.73 0.41
N VAL C 29 12.27 3.66 0.27
CA VAL C 29 12.36 4.98 0.87
C VAL C 29 11.35 5.11 2.00
N LEU C 30 11.84 5.50 3.18
CA LEU C 30 10.97 5.90 4.27
C LEU C 30 11.26 7.33 4.68
N ILE C 31 10.21 8.15 4.75
CA ILE C 31 10.31 9.53 5.23
C ILE C 31 9.61 9.59 6.57
N TRP C 32 10.34 9.96 7.62
CA TRP C 32 9.81 9.97 8.98
C TRP C 32 9.60 11.42 9.39
N LYS C 33 8.36 11.81 9.60
CA LYS C 33 8.06 13.17 9.99
C LYS C 33 8.02 13.27 11.51
N LEU C 34 8.82 14.17 12.07
CA LEU C 34 8.76 14.48 13.50
C LEU C 34 8.10 15.82 13.60
N SER C 35 6.88 15.84 14.09
CA SER C 35 6.22 17.13 14.27
C SER C 35 6.30 17.54 15.72
N ASP C 36 6.02 18.83 15.94
CA ASP C 36 6.12 19.40 17.28
C ASP C 36 7.57 19.28 17.78
N TYR C 37 8.49 19.69 16.91
CA TYR C 37 9.91 19.49 17.17
C TYR C 37 10.35 20.18 18.45
N SER C 38 9.95 21.45 18.63
CA SER C 38 10.40 22.23 19.78
C SER C 38 9.97 21.61 21.11
N ARG C 39 8.76 21.08 21.19
CA ARG C 39 8.37 20.45 22.45
C ARG C 39 9.13 19.15 22.66
N LYS C 40 9.36 18.40 21.59
CA LYS C 40 10.09 17.15 21.71
C LYS C 40 11.55 17.40 22.08
N LEU C 41 12.16 18.43 21.49
CA LEU C 41 13.54 18.76 21.82
C LEU C 41 13.69 19.12 23.28
N GLN C 42 12.77 19.91 23.79
CA GLN C 42 12.84 20.33 25.18
C GLN C 42 12.73 19.14 26.12
N GLU C 43 11.89 18.16 25.76
CA GLU C 43 11.86 16.92 26.54
C GLU C 43 13.18 16.16 26.42
N ALA C 44 13.76 16.15 25.22
CA ALA C 44 15.02 15.45 25.04
C ALA C 44 16.12 16.08 25.88
N LYS C 45 16.10 17.40 26.03
CA LYS C 45 17.15 18.04 26.81
C LYS C 45 17.06 17.72 28.29
N ILE C 46 15.91 17.26 28.77
CA ILE C 46 15.80 16.81 30.16
C ILE C 46 16.28 15.37 30.29
N ARG C 47 15.75 14.49 29.45
CA ARG C 47 16.04 13.06 29.52
C ARG C 47 17.39 12.79 28.84
N SER C 48 18.33 12.16 29.57
CA SER C 48 19.69 12.06 29.07
C SER C 48 19.82 11.17 27.83
N ASN C 49 19.03 10.10 27.73
CA ASN C 49 19.10 9.23 26.56
C ASN C 49 17.71 9.05 25.96
N HIS C 50 17.11 10.16 25.57
CA HIS C 50 15.73 10.15 25.09
C HIS C 50 15.71 9.85 23.58
N GLU C 51 15.16 8.70 23.22
CA GLU C 51 15.19 8.20 21.85
C GLU C 51 13.79 8.14 21.27
N PHE C 52 13.59 8.77 20.12
CA PHE C 52 12.34 8.65 19.39
C PHE C 52 12.49 7.57 18.32
N PHE C 53 11.40 6.83 18.07
CA PHE C 53 11.42 5.72 17.13
C PHE C 53 10.44 5.97 16.01
N SER C 54 10.88 5.68 14.78
CA SER C 54 10.00 5.74 13.63
C SER C 54 9.05 4.55 13.65
N PRO C 55 7.95 4.62 12.90
CA PRO C 55 7.16 3.41 12.63
C PRO C 55 8.00 2.40 11.90
N PRO C 56 7.85 1.11 12.21
CA PRO C 56 8.54 0.07 11.44
C PRO C 56 8.20 0.18 9.96
N PHE C 57 9.18 -0.13 9.11
CA PHE C 57 8.91 -0.22 7.69
C PHE C 57 9.72 -1.36 7.09
N TYR C 58 9.19 -1.93 6.01
CA TYR C 58 9.84 -3.02 5.30
C TYR C 58 10.64 -2.45 4.14
N THR C 59 11.77 -3.06 3.83
CA THR C 59 12.59 -2.59 2.73
C THR C 59 11.85 -2.74 1.42
N HIS C 60 11.38 -3.95 1.15
CA HIS C 60 10.50 -4.27 0.04
C HIS C 60 9.39 -5.14 0.60
N ARG C 61 8.51 -5.60 -0.28
CA ARG C 61 7.20 -6.07 0.15
C ARG C 61 7.31 -7.19 1.18
N TYR C 62 8.03 -8.26 0.86
CA TYR C 62 8.22 -9.33 1.84
C TYR C 62 9.68 -9.37 2.32
N GLY C 63 10.25 -8.20 2.60
CA GLY C 63 11.66 -8.03 2.90
C GLY C 63 11.95 -7.85 4.37
N TYR C 64 13.01 -7.10 4.66
CA TYR C 64 13.47 -6.86 6.01
C TYR C 64 12.65 -5.78 6.71
N LYS C 65 12.40 -5.99 7.99
CA LYS C 65 11.74 -4.98 8.82
C LYS C 65 12.80 -4.11 9.48
N LEU C 66 12.81 -2.81 9.15
CA LEU C 66 13.76 -1.85 9.69
C LEU C 66 13.07 -0.77 10.51
N GLN C 67 13.83 -0.11 11.37
CA GLN C 67 13.30 0.99 12.16
C GLN C 67 14.38 2.04 12.35
N VAL C 68 14.02 3.30 12.16
CA VAL C 68 14.89 4.45 12.35
C VAL C 68 14.65 5.01 13.74
N SER C 69 15.71 5.54 14.37
CA SER C 69 15.52 6.24 15.63
C SER C 69 16.39 7.48 15.66
N ALA C 70 16.01 8.41 16.54
CA ALA C 70 16.70 9.68 16.66
C ALA C 70 16.78 10.07 18.12
N PHE C 71 17.86 10.75 18.47
CA PHE C 71 18.09 11.41 19.75
C PHE C 71 18.11 12.88 19.41
N LEU C 72 17.04 13.59 19.75
CA LEU C 72 16.93 15.00 19.36
C LEU C 72 18.01 15.85 20.01
N ASN C 73 18.45 15.47 21.21
CA ASN C 73 19.56 16.14 21.89
C ASN C 73 20.79 15.22 21.91
N GLY C 74 20.86 14.31 20.97
CA GLY C 74 22.12 13.64 20.72
C GLY C 74 22.38 12.46 21.64
N ASN C 75 23.24 11.58 21.15
CA ASN C 75 23.65 10.35 21.80
C ASN C 75 25.16 10.25 21.70
N GLY C 76 25.78 9.67 22.73
CA GLY C 76 27.24 9.51 22.70
C GLY C 76 27.94 10.83 22.52
N SER C 77 28.85 10.89 21.54
CA SER C 77 29.58 12.12 21.26
C SER C 77 28.70 13.24 20.74
N GLY C 78 27.43 12.96 20.42
CA GLY C 78 26.53 14.01 20.00
C GLY C 78 25.71 14.59 21.11
N GLU C 79 25.85 14.09 22.34
CA GLU C 79 24.97 14.51 23.42
C GLU C 79 25.09 16.01 23.70
N GLY C 80 23.97 16.69 23.75
CA GLY C 80 23.97 18.11 23.96
C GLY C 80 24.24 18.97 22.76
N SER C 81 24.66 18.42 21.62
CA SER C 81 25.03 19.26 20.48
C SER C 81 24.46 18.83 19.14
N HIS C 82 24.01 17.58 18.98
CA HIS C 82 23.66 17.07 17.68
C HIS C 82 22.36 16.30 17.76
N LEU C 83 21.70 16.16 16.60
CA LEU C 83 20.71 15.13 16.40
C LEU C 83 21.46 13.87 15.96
N SER C 84 21.23 12.76 16.67
CA SER C 84 21.83 11.47 16.32
C SER C 84 20.77 10.58 15.66
N VAL C 85 21.15 9.89 14.60
CA VAL C 85 20.22 9.07 13.82
C VAL C 85 20.79 7.66 13.69
N TYR C 86 19.96 6.66 13.93
CA TYR C 86 20.35 5.26 13.83
C TYR C 86 19.28 4.48 13.09
N ILE C 87 19.69 3.34 12.54
CA ILE C 87 18.77 2.38 11.96
C ILE C 87 19.04 1.02 12.55
N ARG C 88 17.99 0.20 12.65
CA ARG C 88 18.17 -1.15 13.15
C ARG C 88 17.21 -2.10 12.46
N VAL C 89 17.61 -3.37 12.43
CA VAL C 89 16.81 -4.46 11.90
C VAL C 89 15.89 -4.95 13.01
N LEU C 90 14.61 -5.15 12.67
CA LEU C 90 13.64 -5.71 13.59
C LEU C 90 13.32 -7.14 13.18
N PRO C 91 12.82 -7.96 14.10
CA PRO C 91 12.29 -9.28 13.69
C PRO C 91 11.12 -9.08 12.76
N GLY C 92 11.20 -9.69 11.58
CA GLY C 92 10.17 -9.56 10.56
C GLY C 92 9.47 -10.87 10.26
N GLU C 93 8.26 -10.78 9.69
CA GLU C 93 7.47 -11.99 9.47
C GLU C 93 8.04 -12.92 8.41
N TYR C 94 9.03 -12.47 7.62
CA TYR C 94 9.55 -13.23 6.48
C TYR C 94 11.05 -13.48 6.59
N ASP C 95 11.62 -13.38 7.79
CA ASP C 95 13.08 -13.36 7.94
C ASP C 95 13.73 -14.63 7.37
N SER C 96 13.11 -15.78 7.60
CA SER C 96 13.76 -17.00 7.14
C SER C 96 13.75 -17.16 5.63
N LEU C 97 13.09 -16.26 4.89
CA LEU C 97 13.19 -16.23 3.43
C LEU C 97 14.32 -15.35 2.92
N LEU C 98 15.00 -14.60 3.77
CA LEU C 98 15.90 -13.56 3.33
C LEU C 98 17.37 -13.95 3.54
N GLU C 99 18.24 -13.19 2.87
CA GLU C 99 19.68 -13.35 3.04
C GLU C 99 20.14 -12.66 4.30
N TRP C 100 21.06 -13.30 4.99
CA TRP C 100 21.60 -12.70 6.20
C TRP C 100 23.12 -12.80 6.17
N PRO C 101 23.83 -11.81 6.74
CA PRO C 101 23.27 -10.62 7.41
C PRO C 101 22.74 -9.58 6.43
N PHE C 102 21.96 -8.64 6.96
CA PHE C 102 21.44 -7.54 6.15
C PHE C 102 22.60 -6.75 5.58
N SER C 103 22.49 -6.31 4.34
CA SER C 103 23.65 -5.71 3.70
C SER C 103 23.34 -4.64 2.66
N TYR C 104 22.09 -4.25 2.46
CA TYR C 104 21.77 -3.16 1.55
C TYR C 104 22.33 -1.84 2.08
N LYS C 105 22.84 -1.00 1.18
CA LYS C 105 23.39 0.26 1.66
C LYS C 105 22.25 1.21 2.07
N VAL C 106 22.46 1.88 3.19
CA VAL C 106 21.48 2.74 3.83
C VAL C 106 21.90 4.19 3.64
N THR C 107 20.95 5.07 3.36
CA THR C 107 21.23 6.50 3.24
C THR C 107 20.28 7.29 4.11
N PHE C 108 20.85 8.09 5.02
CA PHE C 108 20.10 8.98 5.89
C PHE C 108 20.10 10.40 5.33
N SER C 109 18.96 11.07 5.43
CA SER C 109 18.88 12.47 5.06
C SER C 109 18.04 13.22 6.08
N ILE C 110 18.43 14.44 6.40
CA ILE C 110 17.52 15.39 6.99
C ILE C 110 17.21 16.40 5.90
N MET C 111 15.92 16.61 5.66
CA MET C 111 15.49 17.36 4.49
C MET C 111 15.54 18.86 4.76
N ASP C 112 16.10 19.60 3.83
CA ASP C 112 15.96 21.05 3.78
C ASP C 112 14.59 21.37 3.16
N GLN C 113 13.65 21.86 3.97
CA GLN C 113 12.26 22.02 3.55
C GLN C 113 12.02 23.35 2.84
N SER C 114 12.58 23.49 1.64
CA SER C 114 12.26 24.64 0.81
C SER C 114 11.78 24.15 -0.55
N ASP C 115 11.09 25.04 -1.30
CA ASP C 115 10.50 24.69 -2.61
C ASP C 115 11.57 24.37 -3.65
N PRO C 116 11.59 23.17 -4.21
CA PRO C 116 12.69 22.81 -5.13
C PRO C 116 12.69 23.60 -6.42
N SER C 117 11.56 24.20 -6.80
CA SER C 117 11.53 25.10 -7.96
C SER C 117 12.04 26.51 -7.61
N LEU C 118 11.69 27.03 -6.42
CA LEU C 118 12.12 28.38 -6.02
C LEU C 118 13.57 28.44 -5.50
N SER C 119 14.21 27.30 -5.24
CA SER C 119 15.54 27.25 -4.64
C SER C 119 16.13 25.87 -4.90
N LYS C 120 17.38 25.67 -4.53
CA LYS C 120 17.88 24.30 -4.49
C LYS C 120 18.04 23.88 -3.05
N PRO C 121 17.24 22.94 -2.57
CA PRO C 121 17.36 22.51 -1.18
C PRO C 121 18.71 21.83 -0.97
N GLN C 122 19.21 21.92 0.24
CA GLN C 122 20.49 21.33 0.61
C GLN C 122 20.24 20.33 1.71
N HIS C 123 19.86 19.11 1.34
CA HIS C 123 19.69 18.07 2.33
C HIS C 123 21.06 17.63 2.83
N ILE C 124 21.11 17.28 4.11
CA ILE C 124 22.30 16.71 4.73
C ILE C 124 22.18 15.21 4.63
N THR C 125 23.22 14.54 4.11
CA THR C 125 23.14 13.12 3.78
C THR C 125 24.37 12.35 4.27
N GLU C 126 24.13 11.15 4.83
CA GLU C 126 25.17 10.16 5.05
C GLU C 126 24.71 8.82 4.48
N THR C 127 25.67 7.98 4.14
CA THR C 127 25.38 6.67 3.59
C THR C 127 26.40 5.66 4.09
N PHE C 128 25.97 4.45 4.47
CA PHE C 128 26.94 3.42 4.87
C PHE C 128 26.59 2.08 4.26
N ASN C 129 27.60 1.19 4.20
CA ASN C 129 27.40 -0.20 3.82
C ASN C 129 27.39 -1.04 5.07
N PRO C 130 26.30 -1.76 5.37
CA PRO C 130 26.19 -2.47 6.65
C PRO C 130 27.39 -3.38 6.90
N ASP C 131 27.92 -3.28 8.10
CA ASP C 131 29.03 -4.13 8.49
C ASP C 131 28.55 -5.55 8.75
N PRO C 132 29.15 -6.56 8.10
CA PRO C 132 28.68 -7.93 8.29
C PRO C 132 28.81 -8.47 9.70
N ASN C 133 29.63 -7.85 10.55
CA ASN C 133 29.79 -8.34 11.91
C ASN C 133 28.91 -7.60 12.90
N TRP C 134 28.13 -6.62 12.44
CA TRP C 134 27.26 -5.86 13.32
C TRP C 134 26.16 -6.76 13.88
N LYS C 135 26.13 -6.95 15.19
CA LYS C 135 25.21 -7.92 15.81
C LYS C 135 23.76 -7.70 15.40
N ASN C 136 23.33 -6.46 15.32
CA ASN C 136 21.92 -6.21 14.98
C ASN C 136 21.61 -6.56 13.52
N PHE C 137 22.63 -6.53 12.64
CA PHE C 137 22.39 -6.87 11.24
C PHE C 137 22.37 -8.37 10.97
N GLN C 138 22.53 -9.19 12.01
CA GLN C 138 22.37 -10.63 11.88
C GLN C 138 20.92 -11.00 12.06
N LYS C 139 20.56 -12.21 11.63
CA LYS C 139 19.18 -12.67 11.63
C LYS C 139 18.61 -12.60 13.03
N PRO C 140 17.52 -11.88 13.27
CA PRO C 140 16.96 -11.81 14.62
C PRO C 140 16.44 -13.17 15.04
N SER C 141 16.40 -13.40 16.35
CA SER C 141 15.78 -14.62 16.89
C SER C 141 14.25 -14.56 16.79
N THR C 151 20.64 -5.27 20.90
CA THR C 151 19.85 -4.84 19.75
C THR C 151 20.20 -3.37 19.41
N LEU C 152 21.50 -3.10 19.27
CA LEU C 152 21.99 -1.75 19.01
C LEU C 152 21.98 -1.42 17.53
N GLY C 153 21.35 -0.30 17.18
CA GLY C 153 21.29 0.13 15.81
C GLY C 153 22.60 0.77 15.38
N PHE C 154 22.76 0.91 14.08
CA PHE C 154 23.94 1.54 13.51
C PHE C 154 23.57 2.94 13.03
N GLY C 155 24.49 3.89 13.23
CA GLY C 155 24.21 5.22 12.73
C GLY C 155 25.25 6.30 12.95
N TYR C 156 24.76 7.52 13.13
CA TYR C 156 25.60 8.72 13.21
C TYR C 156 25.27 9.54 14.46
N PRO C 157 26.15 9.57 15.46
CA PRO C 157 25.86 10.37 16.66
C PRO C 157 25.87 11.86 16.39
N LYS C 158 26.67 12.33 15.45
CA LYS C 158 26.74 13.75 15.18
C LYS C 158 26.20 14.04 13.78
N PHE C 159 25.00 13.55 13.49
CA PHE C 159 24.46 13.65 12.15
C PHE C 159 24.25 15.11 11.73
N ILE C 160 23.67 15.91 12.61
CA ILE C 160 23.52 17.33 12.33
C ILE C 160 23.49 18.06 13.65
N SER C 161 24.19 19.18 13.73
CA SER C 161 24.33 19.88 15.00
C SER C 161 23.15 20.82 15.24
N HIS C 162 22.89 21.09 16.51
CA HIS C 162 21.83 22.04 16.87
C HIS C 162 22.01 23.37 16.18
N GLU C 163 23.26 23.77 15.91
CA GLU C 163 23.49 25.05 15.24
C GLU C 163 23.12 24.95 13.77
N GLU C 164 23.37 23.82 13.15
CA GLU C 164 23.05 23.67 11.75
C GLU C 164 21.56 23.46 11.51
N ILE C 165 20.88 22.74 12.42
CA ILE C 165 19.48 22.44 12.17
C ILE C 165 18.62 23.71 12.22
N LYS C 166 19.13 24.77 12.85
CA LYS C 166 18.48 26.09 12.91
C LYS C 166 18.66 26.89 11.64
N LYS C 167 19.51 26.45 10.73
CA LYS C 167 19.76 27.17 9.49
C LYS C 167 18.85 26.62 8.40
N ARG C 168 18.82 27.31 7.25
CA ARG C 168 17.99 26.98 6.07
C ARG C 168 16.61 26.57 6.56
N ASN C 169 16.04 25.45 6.09
CA ASN C 169 14.71 25.00 6.48
C ASN C 169 14.72 23.56 6.98
N TYR C 170 15.77 23.17 7.70
CA TYR C 170 15.74 21.85 8.30
C TYR C 170 14.63 21.74 9.35
N VAL C 171 14.24 22.85 9.96
CA VAL C 171 13.02 22.92 10.76
C VAL C 171 12.09 23.91 10.07
N ARG C 172 10.84 23.49 9.89
CA ARG C 172 9.87 24.36 9.25
C ARG C 172 8.51 23.92 9.75
N ASP C 173 7.66 24.89 10.06
CA ASP C 173 6.36 24.61 10.68
C ASP C 173 6.53 23.65 11.85
N ASN C 174 7.58 23.91 12.63
CA ASN C 174 7.95 23.13 13.79
C ASN C 174 7.91 21.61 13.55
N SER C 175 8.46 21.17 12.42
CA SER C 175 8.68 19.74 12.22
C SER C 175 9.95 19.49 11.43
N VAL C 176 10.48 18.26 11.56
CA VAL C 176 11.62 17.87 10.75
C VAL C 176 11.30 16.56 10.04
N PHE C 177 11.98 16.35 8.91
CA PHE C 177 11.83 15.17 8.06
C PHE C 177 13.15 14.43 8.00
N ILE C 178 13.17 13.22 8.53
CA ILE C 178 14.26 12.28 8.34
C ILE C 178 13.86 11.26 7.29
N LYS C 179 14.71 11.08 6.28
CA LYS C 179 14.50 10.12 5.21
C LYS C 179 15.54 9.02 5.33
N ALA C 180 15.10 7.77 5.24
CA ALA C 180 15.99 6.62 5.12
C ALA C 180 15.69 5.96 3.80
N SER C 181 16.72 5.71 3.02
CA SER C 181 16.53 5.07 1.73
C SER C 181 17.46 3.88 1.63
N ILE C 182 16.91 2.74 1.24
CA ILE C 182 17.62 1.48 1.19
C ILE C 182 17.83 1.13 -0.28
N GLU C 183 19.04 0.71 -0.63
CA GLU C 183 19.34 0.35 -2.02
C GLU C 183 19.04 -1.13 -2.24
N ILE C 184 17.92 -1.40 -2.91
CA ILE C 184 17.46 -2.76 -3.20
C ILE C 184 17.94 -3.16 -4.61
N PRO C 185 18.59 -4.31 -4.76
CA PRO C 185 19.19 -4.65 -6.08
C PRO C 185 18.17 -4.94 -7.18
N GLN C 186 16.99 -5.45 -6.83
CA GLN C 186 15.92 -5.75 -7.80
C GLN C 186 16.41 -6.58 -9.01
#